data_1G14
#
_entry.id   1G14
#
_cell.length_a   1.000
_cell.length_b   1.000
_cell.length_c   1.000
_cell.angle_alpha   90.00
_cell.angle_beta   90.00
_cell.angle_gamma   90.00
#
_symmetry.space_group_name_H-M   'P 1'
#
loop_
_entity.id
_entity.type
_entity.pdbx_description
1 polymer "5'-D(*GP*GP*CP*AP*AP*GP*AP*AP*AP*CP*GP*G)-3'"
2 polymer "5'-D(*CP*CP*GP*TP*TP*TP*CP*TP*TP*GP*CP*C)-3'"
#
loop_
_entity_poly.entity_id
_entity_poly.type
_entity_poly.pdbx_seq_one_letter_code
_entity_poly.pdbx_strand_id
1 'polydeoxyribonucleotide' (DG)(DG)(DC)(DA)(DA)(DG)(DA)(DA)(DA)(DC)(DG)(DG) A
2 'polydeoxyribonucleotide' (DC)(DC)(DG)(DT)(DT)(DT)(DC)(DT)(DT)(DG)(DC)(DC) B
#